data_7R7B
#
_entry.id   7R7B
#
_cell.length_a   92.576
_cell.length_b   29.552
_cell.length_c   67.430
_cell.angle_alpha   90.000
_cell.angle_beta   128.885
_cell.angle_gamma   90.000
#
_symmetry.space_group_name_H-M   'C 1 2 1'
#
loop_
_entity.id
_entity.type
_entity.pdbx_description
1 polymer 'Ferrous iron transport protein B'
2 non-polymer 'PHOSPHATE ION'
3 non-polymer GLYCEROL
4 water water
#
_entity_poly.entity_id   1
_entity_poly.type   'polypeptide(L)'
_entity_poly.pdbx_seq_one_letter_code
;MRLSELKTGEKGVIVKVLGHGGFRKRIVEMGFIKGKTVEVLLNAPLKDPIKYKIMGYEISLRRQEADMIEIISEQE
;
_entity_poly.pdbx_strand_id   A,B
#
loop_
_chem_comp.id
_chem_comp.type
_chem_comp.name
_chem_comp.formula
GOL non-polymer GLYCEROL 'C3 H8 O3'
PO4 non-polymer 'PHOSPHATE ION' 'O4 P -3'
#
# COMPACT_ATOMS: atom_id res chain seq x y z
N MET A 1 4.59 20.52 -7.41
CA MET A 1 4.90 20.10 -6.03
CA MET A 1 4.95 20.09 -6.05
C MET A 1 4.77 18.59 -5.95
N ARG A 2 5.33 17.99 -4.90
CA ARG A 2 5.21 16.55 -4.74
C ARG A 2 3.97 16.24 -3.90
N LEU A 3 3.40 15.05 -4.13
CA LEU A 3 2.15 14.68 -3.47
C LEU A 3 2.25 14.75 -1.95
N SER A 4 3.39 14.34 -1.39
CA SER A 4 3.59 14.39 0.05
C SER A 4 3.45 15.79 0.62
N GLU A 5 3.55 16.84 -0.20
CA GLU A 5 3.43 18.18 0.33
C GLU A 5 1.99 18.60 0.63
N LEU A 6 0.99 17.86 0.13
CA LEU A 6 -0.39 18.21 0.40
C LEU A 6 -0.77 17.85 1.83
N LYS A 7 -1.54 18.73 2.47
CA LYS A 7 -2.04 18.48 3.82
C LYS A 7 -3.39 17.78 3.77
N THR A 8 -3.79 17.23 4.93
CA THR A 8 -5.10 16.60 5.07
C THR A 8 -6.20 17.50 4.53
N GLY A 9 -7.08 16.93 3.72
CA GLY A 9 -8.18 17.64 3.13
C GLY A 9 -7.87 18.34 1.82
N GLU A 10 -6.60 18.45 1.44
CA GLU A 10 -6.25 19.13 0.20
C GLU A 10 -6.30 18.18 -0.99
N LYS A 11 -6.37 18.75 -2.19
CA LYS A 11 -6.50 17.96 -3.41
C LYS A 11 -5.52 18.48 -4.46
N GLY A 12 -5.10 17.57 -5.34
CA GLY A 12 -4.27 17.95 -6.47
C GLY A 12 -4.47 16.95 -7.61
N VAL A 13 -3.88 17.27 -8.75
CA VAL A 13 -3.97 16.40 -9.93
C VAL A 13 -2.58 15.88 -10.27
N ILE A 14 -2.49 14.57 -10.56
CA ILE A 14 -1.20 13.96 -10.84
C ILE A 14 -0.70 14.43 -12.21
N VAL A 15 0.54 14.91 -12.26
CA VAL A 15 1.17 15.23 -13.53
C VAL A 15 2.32 14.29 -13.89
N LYS A 16 2.95 13.65 -12.91
CA LYS A 16 4.04 12.72 -13.28
C LYS A 16 4.45 11.85 -12.10
N VAL A 17 4.62 10.56 -12.37
CA VAL A 17 5.16 9.62 -11.40
C VAL A 17 6.64 9.43 -11.72
N LEU A 18 7.49 9.85 -10.79
CA LEU A 18 8.93 9.77 -10.99
C LEU A 18 9.45 8.42 -10.49
N GLY A 19 10.77 8.29 -10.42
CA GLY A 19 11.39 7.05 -9.96
C GLY A 19 11.73 6.11 -11.09
N HIS A 20 12.27 4.96 -10.69
CA HIS A 20 12.74 3.96 -11.64
C HIS A 20 11.57 3.16 -12.19
N GLY A 21 11.87 2.23 -13.10
CA GLY A 21 10.82 1.49 -13.78
C GLY A 21 9.94 0.69 -12.83
N GLY A 22 10.57 -0.14 -12.01
CA GLY A 22 9.78 -0.97 -11.10
C GLY A 22 8.91 -0.17 -10.15
N PHE A 23 9.45 0.93 -9.61
CA PHE A 23 8.66 1.79 -8.72
C PHE A 23 7.50 2.43 -9.47
N ARG A 24 7.77 2.98 -10.65
CA ARG A 24 6.73 3.66 -11.43
C ARG A 24 5.59 2.69 -11.75
N LYS A 25 5.91 1.52 -12.28
CA LYS A 25 4.84 0.59 -12.64
C LYS A 25 4.06 0.13 -11.41
N ARG A 26 4.73 0.05 -10.26
CA ARG A 26 4.04 -0.29 -9.03
C ARG A 26 3.06 0.80 -8.61
N ILE A 27 3.49 2.06 -8.67
CA ILE A 27 2.64 3.16 -8.23
C ILE A 27 1.49 3.38 -9.21
N VAL A 28 1.79 3.36 -10.51
CA VAL A 28 0.74 3.55 -11.51
C VAL A 28 -0.31 2.45 -11.38
N GLU A 29 0.10 1.23 -11.04
CA GLU A 29 -0.81 0.10 -10.91
C GLU A 29 -1.77 0.28 -9.74
N MET A 30 -1.36 1.00 -8.69
CA MET A 30 -2.27 1.26 -7.58
C MET A 30 -3.40 2.20 -7.96
N GLY A 31 -3.27 2.95 -9.05
CA GLY A 31 -4.28 3.89 -9.47
C GLY A 31 -3.82 5.32 -9.60
N PHE A 32 -2.52 5.56 -9.41
CA PHE A 32 -1.99 6.92 -9.50
C PHE A 32 -1.70 7.26 -10.97
N ILE A 33 -2.76 7.67 -11.69
CA ILE A 33 -2.65 7.93 -13.13
C ILE A 33 -2.82 9.43 -13.39
N LYS A 34 -2.16 9.90 -14.45
CA LYS A 34 -2.15 11.32 -14.79
C LYS A 34 -3.55 11.82 -15.08
N GLY A 35 -3.84 13.03 -14.61
CA GLY A 35 -5.08 13.72 -14.92
C GLY A 35 -6.23 13.43 -13.97
N LYS A 36 -6.03 12.62 -12.95
CA LYS A 36 -7.05 12.33 -11.97
C LYS A 36 -6.72 13.07 -10.67
N THR A 37 -7.78 13.46 -9.97
CA THR A 37 -7.66 14.13 -8.69
C THR A 37 -7.29 13.15 -7.60
N VAL A 38 -6.31 13.54 -6.77
CA VAL A 38 -5.95 12.84 -5.55
C VAL A 38 -6.35 13.74 -4.38
N GLU A 39 -7.08 13.18 -3.42
CA GLU A 39 -7.46 13.88 -2.21
C GLU A 39 -6.72 13.27 -1.02
N VAL A 40 -6.22 14.12 -0.11
CA VAL A 40 -5.53 13.64 1.08
C VAL A 40 -6.57 13.37 2.17
N LEU A 41 -6.71 12.10 2.55
CA LEU A 41 -7.63 11.75 3.64
C LEU A 41 -6.96 11.91 5.01
N LEU A 42 -5.69 11.58 5.13
CA LEU A 42 -4.97 11.78 6.39
C LEU A 42 -3.48 11.85 6.10
N ASN A 43 -2.92 13.04 6.23
CA ASN A 43 -1.46 13.22 6.27
C ASN A 43 -1.14 13.65 7.70
N ALA A 44 -0.84 12.66 8.56
CA ALA A 44 -0.54 12.95 9.95
C ALA A 44 0.96 13.18 10.10
N PRO A 45 1.38 14.28 10.72
CA PRO A 45 2.81 14.58 10.81
C PRO A 45 3.58 13.43 11.43
N LEU A 46 4.69 13.06 10.78
CA LEU A 46 5.63 12.03 11.19
C LEU A 46 5.15 10.58 11.07
N LYS A 47 3.86 10.39 10.81
CA LYS A 47 3.30 9.05 10.81
C LYS A 47 3.34 8.61 9.36
N ASP A 48 3.50 7.30 9.16
CA ASP A 48 3.54 6.62 7.89
C ASP A 48 2.61 5.43 7.98
N PRO A 49 1.82 5.15 6.93
CA PRO A 49 1.77 5.85 5.65
C PRO A 49 0.79 7.05 5.64
N ILE A 50 0.66 7.70 4.48
CA ILE A 50 -0.33 8.76 4.23
C ILE A 50 -1.50 8.13 3.48
N LYS A 51 -2.73 8.51 3.84
CA LYS A 51 -3.94 7.93 3.28
C LYS A 51 -4.50 8.87 2.22
N TYR A 52 -4.68 8.35 0.98
CA TYR A 52 -5.16 9.10 -0.16
C TYR A 52 -6.45 8.48 -0.69
N LYS A 53 -7.15 9.24 -1.53
CA LYS A 53 -8.29 8.76 -2.27
CA LYS A 53 -8.29 8.76 -2.27
C LYS A 53 -8.17 9.21 -3.71
N ILE A 54 -8.28 8.27 -4.65
CA ILE A 54 -8.22 8.61 -6.07
C ILE A 54 -8.95 7.52 -6.83
N MET A 55 -9.66 7.91 -7.89
CA MET A 55 -10.50 7.01 -8.67
C MET A 55 -11.56 6.37 -7.79
N GLY A 56 -11.92 7.02 -6.69
CA GLY A 56 -12.93 6.52 -5.77
C GLY A 56 -12.46 5.50 -4.76
N TYR A 57 -11.16 5.25 -4.68
CA TYR A 57 -10.58 4.24 -3.82
C TYR A 57 -9.63 4.84 -2.82
N GLU A 58 -9.57 4.23 -1.64
CA GLU A 58 -8.60 4.62 -0.63
C GLU A 58 -7.31 3.88 -0.87
N ILE A 59 -6.20 4.63 -0.93
CA ILE A 59 -4.87 4.08 -1.20
C ILE A 59 -3.90 4.74 -0.23
N SER A 60 -3.08 3.93 0.45
CA SER A 60 -2.05 4.47 1.34
C SER A 60 -0.68 4.35 0.71
N LEU A 61 0.15 5.37 0.91
CA LEU A 61 1.52 5.39 0.42
C LEU A 61 2.46 5.81 1.53
N ARG A 62 3.66 5.25 1.55
CA ARG A 62 4.69 5.78 2.42
CA ARG A 62 4.67 5.79 2.43
C ARG A 62 5.02 7.21 1.96
N ARG A 63 5.38 8.07 2.94
CA ARG A 63 5.73 9.45 2.62
C ARG A 63 6.82 9.52 1.55
N GLN A 64 7.82 8.62 1.62
CA GLN A 64 8.92 8.65 0.67
C GLN A 64 8.46 8.24 -0.73
N GLU A 65 7.40 7.46 -0.84
CA GLU A 65 6.82 7.14 -2.14
C GLU A 65 6.03 8.34 -2.67
N ALA A 66 5.24 8.98 -1.81
CA ALA A 66 4.50 10.17 -2.22
C ALA A 66 5.42 11.33 -2.55
N ASP A 67 6.64 11.35 -2.00
CA ASP A 67 7.66 12.32 -2.39
C ASP A 67 8.00 12.24 -3.87
N MET A 68 7.73 11.10 -4.51
CA MET A 68 8.17 10.85 -5.88
CA MET A 68 8.17 10.87 -5.88
C MET A 68 7.04 11.00 -6.89
N ILE A 69 5.93 11.63 -6.51
CA ILE A 69 4.80 11.88 -7.42
C ILE A 69 4.64 13.38 -7.55
N GLU A 70 4.73 13.89 -8.79
CA GLU A 70 4.54 15.31 -9.05
C GLU A 70 3.05 15.59 -9.29
N ILE A 71 2.55 16.65 -8.66
CA ILE A 71 1.15 17.06 -8.75
C ILE A 71 1.11 18.57 -8.97
N ILE A 72 -0.07 19.06 -9.37
CA ILE A 72 -0.40 20.48 -9.33
C ILE A 72 -1.63 20.62 -8.44
N SER A 73 -1.54 21.48 -7.44
CA SER A 73 -2.61 21.57 -6.46
C SER A 73 -3.85 22.22 -7.06
N GLU A 74 -5.01 21.74 -6.63
CA GLU A 74 -6.27 22.25 -7.16
C GLU A 74 -6.51 23.67 -6.68
N MET B 1 1.81 -22.40 3.90
CA MET B 1 1.04 -21.78 2.82
C MET B 1 1.49 -20.32 2.68
N ARG B 2 1.03 -19.65 1.63
CA ARG B 2 1.34 -18.25 1.44
C ARG B 2 0.13 -17.39 1.85
N LEU B 3 0.42 -16.13 2.19
CA LEU B 3 -0.60 -15.27 2.78
C LEU B 3 -1.78 -15.09 1.83
N SER B 4 -1.51 -15.02 0.53
CA SER B 4 -2.57 -14.88 -0.47
C SER B 4 -3.56 -16.05 -0.45
N GLU B 5 -3.19 -17.18 0.14
CA GLU B 5 -4.11 -18.31 0.11
C GLU B 5 -5.23 -18.20 1.15
N LEU B 6 -5.10 -17.31 2.12
CA LEU B 6 -6.16 -17.10 3.09
C LEU B 6 -7.35 -16.40 2.48
N LYS B 7 -8.54 -16.88 2.80
CA LYS B 7 -9.79 -16.28 2.34
C LYS B 7 -10.26 -15.20 3.34
N THR B 8 -11.20 -14.38 2.88
CA THR B 8 -11.78 -13.33 3.73
C THR B 8 -12.23 -13.94 5.06
N GLY B 9 -11.87 -13.26 6.15
CA GLY B 9 -12.22 -13.71 7.48
C GLY B 9 -11.26 -14.69 8.12
N GLU B 10 -10.34 -15.27 7.34
CA GLU B 10 -9.39 -16.24 7.90
C GLU B 10 -8.18 -15.53 8.51
N LYS B 11 -7.46 -16.25 9.37
CA LYS B 11 -6.34 -15.68 10.12
C LYS B 11 -5.14 -16.61 10.04
N GLY B 12 -3.95 -16.00 10.05
CA GLY B 12 -2.71 -16.76 10.08
C GLY B 12 -1.61 -15.95 10.72
N VAL B 13 -0.47 -16.60 10.94
CA VAL B 13 0.69 -15.98 11.56
C VAL B 13 1.85 -16.01 10.57
N ILE B 14 2.55 -14.89 10.41
CA ILE B 14 3.65 -14.83 9.46
C ILE B 14 4.84 -15.59 10.02
N VAL B 15 5.41 -16.48 9.21
CA VAL B 15 6.64 -17.17 9.60
C VAL B 15 7.85 -16.77 8.75
N LYS B 16 7.63 -16.20 7.55
CA LYS B 16 8.78 -15.84 6.72
C LYS B 16 8.32 -14.91 5.61
N VAL B 17 9.11 -13.88 5.32
CA VAL B 17 8.88 -13.02 4.16
C VAL B 17 9.94 -13.35 3.13
N LEU B 18 9.52 -13.77 1.95
CA LEU B 18 10.44 -14.18 0.91
C LEU B 18 10.74 -12.98 -0.01
N GLY B 19 11.29 -13.24 -1.18
CA GLY B 19 11.67 -12.16 -2.07
C GLY B 19 13.03 -11.59 -1.71
N HIS B 20 13.35 -10.48 -2.37
CA HIS B 20 14.68 -9.89 -2.28
C HIS B 20 14.73 -8.84 -1.16
N GLY B 21 15.92 -8.30 -0.94
CA GLY B 21 16.15 -7.47 0.23
C GLY B 21 15.31 -6.20 0.24
N GLY B 22 15.18 -5.54 -0.92
CA GLY B 22 14.35 -4.35 -0.98
C GLY B 22 12.89 -4.64 -0.75
N PHE B 23 12.40 -5.76 -1.30
CA PHE B 23 11.02 -6.18 -1.06
C PHE B 23 10.78 -6.48 0.41
N ARG B 24 11.68 -7.28 1.02
CA ARG B 24 11.50 -7.67 2.40
C ARG B 24 11.47 -6.46 3.33
N LYS B 25 12.35 -5.48 3.09
CA LYS B 25 12.33 -4.28 3.92
C LYS B 25 11.02 -3.51 3.76
N ARG B 26 10.51 -3.41 2.53
CA ARG B 26 9.25 -2.72 2.31
C ARG B 26 8.12 -3.40 3.06
N ILE B 27 8.09 -4.74 3.02
CA ILE B 27 6.99 -5.49 3.64
C ILE B 27 7.02 -5.35 5.15
N VAL B 28 8.21 -5.45 5.76
CA VAL B 28 8.28 -5.37 7.22
C VAL B 28 7.88 -3.96 7.68
N GLU B 29 8.28 -2.93 6.92
CA GLU B 29 8.00 -1.56 7.31
C GLU B 29 6.52 -1.22 7.23
N MET B 30 5.73 -2.00 6.50
CA MET B 30 4.30 -1.79 6.45
C MET B 30 3.61 -2.29 7.71
N GLY B 31 4.26 -3.20 8.45
CA GLY B 31 3.70 -3.80 9.64
C GLY B 31 3.54 -5.30 9.58
N PHE B 32 4.20 -5.97 8.61
CA PHE B 32 4.11 -7.42 8.46
C PHE B 32 5.29 -8.09 9.17
N ILE B 33 5.16 -8.24 10.48
CA ILE B 33 6.22 -8.84 11.29
C ILE B 33 5.75 -10.20 11.79
N LYS B 34 6.71 -11.08 12.02
CA LYS B 34 6.40 -12.46 12.36
C LYS B 34 5.83 -12.57 13.76
N GLY B 35 5.05 -13.63 13.97
CA GLY B 35 4.53 -13.96 15.29
C GLY B 35 3.23 -13.30 15.65
N LYS B 36 2.59 -12.59 14.73
CA LYS B 36 1.38 -11.83 15.03
C LYS B 36 0.27 -12.25 14.08
N THR B 37 -0.97 -12.24 14.59
CA THR B 37 -2.11 -12.61 13.76
C THR B 37 -2.28 -11.63 12.62
N VAL B 38 -2.40 -12.16 11.40
CA VAL B 38 -2.86 -11.41 10.25
C VAL B 38 -4.26 -11.92 9.91
N GLU B 39 -5.22 -11.02 9.77
CA GLU B 39 -6.60 -11.38 9.44
C GLU B 39 -6.94 -10.78 8.10
N VAL B 40 -7.62 -11.56 7.26
CA VAL B 40 -8.01 -11.08 5.94
C VAL B 40 -9.30 -10.28 6.05
N LEU B 41 -9.24 -8.98 5.74
CA LEU B 41 -10.43 -8.15 5.70
C LEU B 41 -11.21 -8.32 4.40
N LEU B 42 -10.51 -8.44 3.26
CA LEU B 42 -11.19 -8.65 1.97
C LEU B 42 -10.20 -9.27 0.99
N ASN B 43 -10.38 -10.54 0.68
CA ASN B 43 -9.70 -11.18 -0.46
C ASN B 43 -10.80 -11.46 -1.48
N ALA B 44 -10.96 -10.51 -2.41
CA ALA B 44 -12.01 -10.60 -3.41
C ALA B 44 -11.44 -11.28 -4.65
N PRO B 45 -12.04 -12.37 -5.12
CA PRO B 45 -11.47 -13.10 -6.25
C PRO B 45 -11.21 -12.21 -7.45
N LEU B 46 -9.99 -12.33 -7.98
CA LEU B 46 -9.49 -11.60 -9.14
C LEU B 46 -9.18 -10.13 -8.90
N LYS B 47 -9.51 -9.61 -7.73
CA LYS B 47 -9.42 -8.16 -7.52
C LYS B 47 -8.14 -7.90 -6.73
N ASP B 48 -7.54 -6.73 -6.97
CA ASP B 48 -6.37 -6.27 -6.26
C ASP B 48 -6.64 -4.86 -5.74
N PRO B 49 -6.11 -4.52 -4.55
CA PRO B 49 -5.30 -5.38 -3.69
C PRO B 49 -6.16 -6.20 -2.74
N ILE B 50 -5.49 -6.97 -1.89
CA ILE B 50 -6.13 -7.71 -0.79
C ILE B 50 -5.94 -6.88 0.47
N LYS B 51 -7.00 -6.78 1.29
CA LYS B 51 -6.98 -5.97 2.50
C LYS B 51 -6.77 -6.87 3.73
N TYR B 52 -5.75 -6.54 4.54
CA TYR B 52 -5.39 -7.28 5.75
C TYR B 52 -5.48 -6.38 6.97
N LYS B 53 -5.53 -7.01 8.14
CA LYS B 53 -5.50 -6.32 9.42
C LYS B 53 -4.52 -7.04 10.32
N ILE B 54 -3.58 -6.31 10.88
CA ILE B 54 -2.64 -6.94 11.81
C ILE B 54 -2.30 -5.90 12.86
N MET B 55 -2.39 -6.30 14.13
CA MET B 55 -2.07 -5.41 15.22
C MET B 55 -3.03 -4.22 15.23
N GLY B 56 -4.24 -4.41 14.68
CA GLY B 56 -5.25 -3.38 14.60
C GLY B 56 -5.18 -2.46 13.40
N TYR B 57 -4.18 -2.63 12.53
CA TYR B 57 -3.95 -1.70 11.42
C TYR B 57 -4.36 -2.34 10.10
N GLU B 58 -5.14 -1.61 9.29
CA GLU B 58 -5.46 -2.09 7.94
C GLU B 58 -4.29 -1.85 7.01
N ILE B 59 -3.86 -2.91 6.31
CA ILE B 59 -2.79 -2.83 5.32
C ILE B 59 -3.24 -3.55 4.06
N SER B 60 -2.96 -2.96 2.90
CA SER B 60 -3.29 -3.59 1.62
C SER B 60 -2.03 -4.07 0.93
N LEU B 61 -2.13 -5.23 0.27
CA LEU B 61 -1.03 -5.79 -0.51
C LEU B 61 -1.58 -6.34 -1.82
N ARG B 62 -0.83 -6.18 -2.90
CA ARG B 62 -1.19 -6.86 -4.14
CA ARG B 62 -1.20 -6.86 -4.13
C ARG B 62 -1.09 -8.37 -3.92
N ARG B 63 -1.93 -9.12 -4.62
CA ARG B 63 -1.93 -10.58 -4.49
C ARG B 63 -0.54 -11.15 -4.75
N GLN B 64 0.17 -10.60 -5.75
CA GLN B 64 1.48 -11.10 -6.12
C GLN B 64 2.50 -10.86 -5.01
N GLU B 65 2.30 -9.82 -4.19
CA GLU B 65 3.16 -9.59 -3.04
C GLU B 65 2.79 -10.51 -1.88
N ALA B 66 1.50 -10.68 -1.62
CA ALA B 66 1.07 -11.61 -0.57
C ALA B 66 1.46 -13.04 -0.91
N ASP B 67 1.61 -13.37 -2.21
CA ASP B 67 2.14 -14.66 -2.65
C ASP B 67 3.51 -14.94 -2.04
N MET B 68 4.26 -13.90 -1.65
CA MET B 68 5.65 -14.08 -1.25
C MET B 68 5.83 -14.06 0.26
N ILE B 69 4.74 -14.21 1.02
CA ILE B 69 4.77 -14.21 2.48
C ILE B 69 4.31 -15.58 2.96
N GLU B 70 5.17 -16.28 3.70
N GLU B 70 5.17 -16.27 3.70
CA GLU B 70 4.83 -17.59 4.25
CA GLU B 70 4.86 -17.59 4.27
C GLU B 70 4.14 -17.43 5.60
C GLU B 70 4.14 -17.43 5.61
N ILE B 71 3.04 -18.16 5.78
CA ILE B 71 2.24 -18.12 6.99
C ILE B 71 1.94 -19.54 7.44
N ILE B 72 1.48 -19.66 8.69
CA ILE B 72 0.78 -20.85 9.15
C ILE B 72 -0.62 -20.43 9.57
N SER B 73 -1.62 -21.15 9.07
CA SER B 73 -3.02 -20.79 9.31
C SER B 73 -3.39 -21.06 10.75
N GLU B 74 -4.23 -20.20 11.31
CA GLU B 74 -4.68 -20.40 12.68
C GLU B 74 -5.70 -21.53 12.72
P PO4 C . -11.59 13.26 -10.87
O1 PO4 C . -12.61 12.57 -9.98
O2 PO4 C . -10.31 12.47 -10.84
O3 PO4 C . -12.11 13.30 -12.29
O4 PO4 C . -11.37 14.65 -10.37
C1 GOL D . -14.41 10.61 1.43
O1 GOL D . -14.59 9.41 0.68
C2 GOL D . -13.47 11.57 0.73
O2 GOL D . -14.07 12.04 -0.47
C3 GOL D . -13.04 12.74 1.61
O3 GOL D . -13.98 13.81 1.54
P PO4 E . -2.31 -10.93 18.21
O1 PO4 E . -2.57 -12.38 17.87
O2 PO4 E . -2.50 -10.73 19.69
O3 PO4 E . -3.26 -10.06 17.44
O4 PO4 E . -0.89 -10.58 17.83
C1 GOL F . -10.68 -5.42 -3.51
O1 GOL F . -11.84 -5.06 -4.25
C2 GOL F . -10.36 -4.41 -2.43
O2 GOL F . -9.74 -5.05 -1.32
C3 GOL F . -9.50 -3.26 -2.92
O3 GOL F . -9.53 -2.17 -2.00
#